data_5RWA
#
_entry.id   5RWA
#
_cell.length_a   62.560
_cell.length_b   79.480
_cell.length_c   89.620
_cell.angle_alpha   90.000
_cell.angle_beta   90.000
_cell.angle_gamma   90.000
#
_symmetry.space_group_name_H-M   'P 21 21 21'
#
loop_
_entity.id
_entity.type
_entity.pdbx_description
1 polymer 'Phosphatidylinositol 3,4,5-trisphosphate 5-phosphatase 1'
2 non-polymer 4-[(3,4-dihydroisoquinolin-2(1H)-yl)methyl]phenol
3 non-polymer 'DIMETHYL SULFOXIDE'
4 water water
#
_entity_poly.entity_id   1
_entity_poly.type   'polypeptide(L)'
_entity_poly.pdbx_seq_one_letter_code
;SMEQPEPDMITIFIGTWNMGNAPPPKKITSWFLSKGQGKTRDDSADYIPHDIYVIGTQEDPLSEKEWLEILKHSLQEITS
VTFKTVAIHTLWNIRIVVLAKPEHENRISHICTDNVKTGIANTLGNKGAVGVSFMFNGTSLGFVNSHLTSGSEKKLRRNQ
NYMNILRFLALGDKKLSPFNITHRFTHLFWFGDLNYRVDLPTWEAETIIQKIKQQQYADLLSHDQLLTERREQKVFLHFE
EEEITFAPTYRFERLTRDKYAYTKQKATGMKYNLPSWCDRVLWKSYPLVHVVCQSYGSTSDIMTSDHSPVFATFEAGVTS
QFVSKNGPGTVDSQGQIEFLRCYATLKTKSQTKFYLEFHSSCLESFVKSQEGENEEGSEGELVVKFGETLPKLKPIISDP
EYLLDQHILISIKSSDSDESYGEGCIALRLEATETQLPIYTPLTHHGELTGHFQGEIKLQTSQ
;
_entity_poly.pdbx_strand_id   A
#
loop_
_chem_comp.id
_chem_comp.type
_chem_comp.name
_chem_comp.formula
DMS non-polymer 'DIMETHYL SULFOXIDE' 'C2 H6 O S'
O3M non-polymer 4-[(3,4-dihydroisoquinolin-2(1H)-yl)methyl]phenol 'C16 H17 N O'
#
# COMPACT_ATOMS: atom_id res chain seq x y z
N GLN A 4 -20.87 -14.43 18.06
CA GLN A 4 -20.04 -13.21 17.74
C GLN A 4 -20.31 -12.77 16.30
N PRO A 5 -20.76 -11.53 16.04
CA PRO A 5 -21.05 -11.08 14.68
C PRO A 5 -19.72 -10.87 13.93
N GLU A 6 -19.72 -11.07 12.62
CA GLU A 6 -18.49 -10.81 11.82
C GLU A 6 -18.36 -9.32 11.64
N PRO A 7 -17.12 -8.78 11.68
CA PRO A 7 -16.95 -7.36 11.63
C PRO A 7 -17.18 -6.83 10.23
N ASP A 8 -17.63 -5.58 10.18
N ASP A 8 -17.61 -5.58 10.10
N ASP A 8 -17.63 -5.58 10.18
CA ASP A 8 -17.83 -4.79 8.94
CA ASP A 8 -17.67 -4.89 8.78
CA ASP A 8 -17.84 -4.80 8.94
C ASP A 8 -16.61 -3.90 8.71
C ASP A 8 -16.63 -3.77 8.72
C ASP A 8 -16.61 -3.90 8.70
N MET A 9 -15.90 -3.58 9.81
N MET A 9 -15.89 -3.57 9.82
N MET A 9 -15.83 -3.68 9.74
CA MET A 9 -14.71 -2.71 9.86
CA MET A 9 -14.71 -2.71 9.86
CA MET A 9 -14.66 -2.76 9.68
C MET A 9 -13.63 -3.37 10.71
C MET A 9 -13.63 -3.37 10.71
C MET A 9 -13.66 -3.21 10.73
N ILE A 10 -12.37 -3.12 10.40
CA ILE A 10 -11.25 -3.42 11.30
C ILE A 10 -10.31 -2.25 11.32
N THR A 11 -9.48 -2.18 12.34
CA THR A 11 -8.40 -1.17 12.32
C THR A 11 -7.09 -1.89 12.15
N ILE A 12 -6.25 -1.24 11.34
CA ILE A 12 -4.93 -1.79 10.94
C ILE A 12 -3.87 -0.78 11.34
N PHE A 13 -2.84 -1.20 12.06
CA PHE A 13 -1.64 -0.43 12.39
C PHE A 13 -0.56 -0.81 11.36
N ILE A 14 0.05 0.21 10.79
CA ILE A 14 1.23 0.09 9.91
C ILE A 14 2.38 0.81 10.59
N GLY A 15 3.50 0.16 10.83
CA GLY A 15 4.71 0.80 11.32
C GLY A 15 5.81 0.62 10.32
N THR A 16 6.63 1.64 10.14
CA THR A 16 7.88 1.54 9.37
C THR A 16 9.00 2.15 10.18
N TRP A 17 10.09 1.41 10.36
CA TRP A 17 11.23 1.91 11.11
C TRP A 17 12.51 1.40 10.49
N ASN A 18 13.35 2.30 10.06
CA ASN A 18 14.73 1.96 9.69
C ASN A 18 15.54 2.06 11.00
N MET A 19 15.96 0.92 11.49
CA MET A 19 16.54 0.78 12.85
C MET A 19 18.02 1.16 12.85
N GLY A 20 18.62 1.44 11.73
CA GLY A 20 20.01 1.87 11.67
C GLY A 20 20.96 0.83 12.25
N ASN A 21 20.64 -0.44 12.08
N ASN A 21 20.61 -0.45 12.14
N ASN A 21 20.64 -0.44 12.08
CA ASN A 21 21.51 -1.58 12.49
CA ASN A 21 21.49 -1.60 12.49
CA ASN A 21 21.51 -1.58 12.49
C ASN A 21 21.84 -1.49 13.98
C ASN A 21 21.72 -1.67 14.01
C ASN A 21 21.84 -1.49 13.98
N ALA A 22 20.93 -0.96 14.80
CA ALA A 22 21.09 -0.89 16.27
C ALA A 22 19.94 -1.59 16.91
N PRO A 23 20.12 -2.24 18.08
CA PRO A 23 18.99 -2.77 18.80
C PRO A 23 18.08 -1.64 19.29
N PRO A 24 16.80 -1.96 19.42
CA PRO A 24 15.85 -0.97 19.91
C PRO A 24 16.07 -0.70 21.39
N PRO A 25 15.49 0.40 21.90
CA PRO A 25 15.49 0.69 23.33
C PRO A 25 14.49 -0.23 24.02
N LYS A 26 14.51 -0.20 25.37
CA LYS A 26 13.69 -1.14 26.15
C LYS A 26 12.19 -0.89 25.94
N LYS A 27 11.78 0.34 25.67
CA LYS A 27 10.34 0.62 25.53
C LYS A 27 10.08 1.24 24.15
N ILE A 28 9.19 0.61 23.42
CA ILE A 28 8.85 1.11 22.05
C ILE A 28 7.35 1.28 21.98
N THR A 29 6.62 1.28 23.09
CA THR A 29 5.16 1.34 23.08
C THR A 29 4.59 2.59 22.41
N SER A 30 5.31 3.70 22.45
N SER A 30 5.30 3.72 22.45
N SER A 30 5.31 3.70 22.45
CA SER A 30 4.85 4.97 21.82
CA SER A 30 4.79 4.96 21.83
CA SER A 30 4.85 4.97 21.82
C SER A 30 4.54 4.74 20.34
C SER A 30 4.51 4.71 20.33
C SER A 30 4.54 4.74 20.34
N TRP A 31 5.30 3.87 19.69
CA TRP A 31 5.12 3.57 18.26
C TRP A 31 3.73 2.97 18.06
N PHE A 32 3.41 1.93 18.81
CA PHE A 32 2.15 1.20 18.65
C PHE A 32 0.95 1.99 19.12
N LEU A 33 1.18 2.99 19.96
CA LEU A 33 0.14 3.90 20.45
C LEU A 33 -0.03 5.10 19.54
N SER A 34 0.75 5.24 18.47
CA SER A 34 0.61 6.42 17.57
C SER A 34 0.77 7.73 18.38
N LYS A 35 1.85 7.81 19.17
N LYS A 35 1.86 7.83 19.15
N LYS A 35 1.85 7.81 19.17
CA LYS A 35 2.18 9.00 19.99
CA LYS A 35 2.14 9.03 19.97
CA LYS A 35 2.18 9.00 19.99
C LYS A 35 3.47 9.63 19.46
C LYS A 35 3.47 9.63 19.56
C LYS A 35 3.47 9.63 19.46
N GLY A 36 3.49 10.97 19.44
CA GLY A 36 4.68 11.71 19.09
C GLY A 36 4.26 12.94 18.37
N GLN A 37 4.73 13.11 17.14
N GLN A 37 4.71 13.10 17.13
N GLN A 37 4.73 13.11 17.14
CA GLN A 37 4.36 14.26 16.29
CA GLN A 37 4.42 14.28 16.29
CA GLN A 37 4.36 14.26 16.29
C GLN A 37 3.45 13.79 15.16
C GLN A 37 3.54 13.83 15.12
C GLN A 37 3.45 13.79 15.16
N GLY A 38 2.71 14.73 14.60
CA GLY A 38 1.90 14.51 13.42
C GLY A 38 0.46 14.32 13.82
N LYS A 39 -0.24 13.45 13.10
N LYS A 39 -0.25 13.48 13.07
N LYS A 39 -0.24 13.45 13.10
CA LYS A 39 -1.65 13.12 13.37
CA LYS A 39 -1.65 13.11 13.35
CA LYS A 39 -1.65 13.12 13.37
C LYS A 39 -1.65 11.92 14.31
C LYS A 39 -1.56 11.93 14.32
C LYS A 39 -1.65 11.92 14.31
N THR A 40 -1.84 12.17 15.60
CA THR A 40 -1.64 11.17 16.64
C THR A 40 -2.99 10.65 17.15
N ARG A 41 -2.89 9.53 17.81
CA ARG A 41 -4.08 8.82 18.30
C ARG A 41 -4.51 9.38 19.67
N ASP A 42 -5.80 9.42 19.88
CA ASP A 42 -6.36 9.93 21.15
C ASP A 42 -5.93 8.99 22.28
N ASP A 43 -5.60 9.63 23.40
CA ASP A 43 -5.23 8.92 24.66
C ASP A 43 -6.34 7.95 25.10
N SER A 44 -7.58 8.30 24.86
CA SER A 44 -8.71 7.46 25.30
C SER A 44 -8.75 6.12 24.58
N ALA A 45 -8.02 5.93 23.48
CA ALA A 45 -7.97 4.66 22.71
C ALA A 45 -6.76 3.81 23.06
N ASP A 46 -5.91 4.21 24.02
CA ASP A 46 -4.63 3.51 24.25
C ASP A 46 -4.79 2.03 24.53
N TYR A 47 -5.86 1.62 25.20
CA TYR A 47 -5.96 0.22 25.63
C TYR A 47 -6.72 -0.59 24.60
N ILE A 48 -7.24 0.06 23.59
CA ILE A 48 -8.05 -0.61 22.54
C ILE A 48 -7.10 -1.20 21.51
N PRO A 49 -7.02 -2.52 21.35
CA PRO A 49 -6.10 -3.10 20.38
C PRO A 49 -6.59 -2.82 18.96
N HIS A 50 -5.64 -2.58 18.03
CA HIS A 50 -5.94 -2.73 16.61
C HIS A 50 -6.16 -4.19 16.29
N ASP A 51 -6.88 -4.44 15.22
CA ASP A 51 -7.18 -5.81 14.78
C ASP A 51 -5.93 -6.50 14.24
N ILE A 52 -5.15 -5.75 13.45
CA ILE A 52 -3.96 -6.25 12.72
C ILE A 52 -2.84 -5.23 12.92
N TYR A 53 -1.66 -5.67 13.30
CA TYR A 53 -0.43 -4.87 13.35
C TYR A 53 0.51 -5.37 12.29
N VAL A 54 0.99 -4.46 11.44
CA VAL A 54 1.97 -4.77 10.39
C VAL A 54 3.18 -3.93 10.62
N ILE A 55 4.32 -4.57 10.83
N ILE A 55 4.30 -4.57 10.94
N ILE A 55 4.32 -4.57 10.83
CA ILE A 55 5.56 -3.91 11.32
CA ILE A 55 5.56 -3.90 11.31
CA ILE A 55 5.56 -3.91 11.32
C ILE A 55 6.68 -4.11 10.29
C ILE A 55 6.61 -4.12 10.21
C ILE A 55 6.68 -4.11 10.29
N GLY A 56 7.06 -3.04 9.58
CA GLY A 56 8.12 -3.07 8.58
C GLY A 56 9.38 -2.47 9.18
N THR A 57 10.46 -3.18 9.14
CA THR A 57 11.78 -2.67 9.52
C THR A 57 12.73 -2.72 8.36
N GLN A 58 13.69 -1.83 8.42
CA GLN A 58 14.85 -1.78 7.52
C GLN A 58 16.08 -1.64 8.39
N GLU A 59 17.22 -2.12 7.89
CA GLU A 59 18.49 -2.14 8.67
C GLU A 59 18.23 -2.79 10.03
N ASP A 60 17.46 -3.88 10.04
CA ASP A 60 17.05 -4.55 11.27
C ASP A 60 18.14 -5.53 11.67
N PRO A 61 18.77 -5.32 12.85
CA PRO A 61 19.89 -6.22 13.26
C PRO A 61 19.46 -7.43 14.04
N LEU A 62 18.20 -7.54 14.35
CA LEU A 62 17.69 -8.60 15.26
C LEU A 62 17.38 -9.86 14.48
N SER A 63 17.38 -10.99 15.16
CA SER A 63 16.79 -12.21 14.62
C SER A 63 15.27 -12.05 14.57
N GLU A 64 14.61 -12.88 13.82
CA GLU A 64 13.15 -12.93 13.82
C GLU A 64 12.62 -13.21 15.21
N LYS A 65 13.27 -14.17 15.91
CA LYS A 65 12.78 -14.54 17.25
C LYS A 65 12.91 -13.35 18.19
N GLU A 66 14.05 -12.69 18.16
CA GLU A 66 14.32 -11.54 19.06
C GLU A 66 13.29 -10.42 18.81
N TRP A 67 13.02 -10.09 17.55
CA TRP A 67 12.07 -9.00 17.26
C TRP A 67 10.63 -9.37 17.60
N LEU A 68 10.21 -10.58 17.26
CA LEU A 68 8.84 -11.06 17.58
C LEU A 68 8.63 -11.01 19.09
N GLU A 69 9.62 -11.45 19.87
N GLU A 69 9.61 -11.38 19.89
N GLU A 69 9.62 -11.45 19.87
CA GLU A 69 9.58 -11.37 21.35
CA GLU A 69 9.41 -11.35 21.35
CA GLU A 69 9.58 -11.37 21.35
C GLU A 69 9.21 -9.94 21.75
C GLU A 69 9.22 -9.91 21.81
C GLU A 69 9.21 -9.94 21.75
N ILE A 70 9.99 -8.97 21.27
CA ILE A 70 9.85 -7.55 21.64
C ILE A 70 8.49 -7.03 21.23
N LEU A 71 8.06 -7.36 20.02
CA LEU A 71 6.77 -6.85 19.52
C LEU A 71 5.61 -7.41 20.33
N LYS A 72 5.60 -8.71 20.55
CA LYS A 72 4.51 -9.34 21.29
C LYS A 72 4.46 -8.83 22.73
N HIS A 73 5.62 -8.65 23.36
N HIS A 73 5.61 -8.69 23.37
N HIS A 73 5.62 -8.65 23.36
CA HIS A 73 5.72 -8.09 24.73
CA HIS A 73 5.66 -8.23 24.78
CA HIS A 73 5.72 -8.09 24.73
C HIS A 73 5.08 -6.70 24.77
C HIS A 73 5.20 -6.77 24.83
C HIS A 73 5.08 -6.70 24.77
N SER A 74 5.49 -5.83 23.85
N SER A 74 5.48 -5.98 23.79
N SER A 74 5.49 -5.83 23.85
CA SER A 74 5.03 -4.43 23.78
CA SER A 74 5.06 -4.56 23.76
CA SER A 74 5.03 -4.43 23.78
C SER A 74 3.49 -4.41 23.66
C SER A 74 3.54 -4.47 23.69
C SER A 74 3.49 -4.41 23.66
N LEU A 75 2.94 -5.20 22.75
CA LEU A 75 1.49 -5.19 22.54
C LEU A 75 0.76 -5.78 23.75
N GLN A 76 1.33 -6.84 24.33
CA GLN A 76 0.81 -7.50 25.56
C GLN A 76 0.70 -6.45 26.67
N GLU A 77 1.74 -5.64 26.84
CA GLU A 77 1.79 -4.61 27.90
C GLU A 77 0.68 -3.57 27.66
N ILE A 78 0.52 -3.13 26.40
CA ILE A 78 -0.41 -2.03 26.01
C ILE A 78 -1.85 -2.51 26.21
N THR A 79 -2.16 -3.72 25.78
CA THR A 79 -3.53 -4.14 25.48
C THR A 79 -4.01 -5.28 26.36
N SER A 80 -3.05 -5.99 26.98
CA SER A 80 -3.34 -7.25 27.73
C SER A 80 -3.83 -8.34 26.81
N VAL A 81 -3.52 -8.23 25.52
CA VAL A 81 -3.86 -9.26 24.48
C VAL A 81 -2.57 -9.94 24.03
N THR A 82 -2.62 -11.27 23.90
CA THR A 82 -1.52 -12.07 23.33
C THR A 82 -1.80 -12.23 21.84
N PHE A 83 -1.07 -11.45 21.05
CA PHE A 83 -1.29 -11.43 19.59
C PHE A 83 -0.73 -12.71 18.96
N LYS A 84 -1.35 -13.11 17.87
CA LYS A 84 -0.95 -14.29 17.08
C LYS A 84 -0.11 -13.82 15.90
N THR A 85 0.93 -14.53 15.61
CA THR A 85 1.80 -14.26 14.45
C THR A 85 1.14 -14.78 13.19
N VAL A 86 0.79 -13.92 12.27
CA VAL A 86 0.22 -14.29 10.97
C VAL A 86 1.35 -14.67 10.03
N ALA A 87 2.38 -13.85 9.95
CA ALA A 87 3.50 -14.04 9.03
C ALA A 87 4.70 -13.22 9.44
N ILE A 88 5.87 -13.72 9.09
CA ILE A 88 7.10 -12.95 9.23
C ILE A 88 7.97 -13.30 8.06
N HIS A 89 8.56 -12.32 7.41
CA HIS A 89 9.40 -12.58 6.24
C HIS A 89 10.52 -11.58 6.24
N THR A 90 11.74 -12.00 6.05
CA THR A 90 12.95 -11.18 6.05
C THR A 90 13.73 -11.37 4.76
N LEU A 91 14.19 -10.29 4.13
CA LEU A 91 15.17 -10.26 3.05
C LEU A 91 16.30 -9.42 3.53
N TRP A 92 17.47 -10.01 3.73
CA TRP A 92 18.65 -9.30 4.23
C TRP A 92 18.27 -8.70 5.58
N ASN A 93 18.24 -7.38 5.66
CA ASN A 93 17.87 -6.67 6.90
C ASN A 93 16.53 -5.95 6.76
N ILE A 94 15.70 -6.36 5.80
CA ILE A 94 14.35 -5.80 5.54
C ILE A 94 13.32 -6.80 6.00
N ARG A 95 12.44 -6.46 6.93
CA ARG A 95 11.58 -7.45 7.53
C ARG A 95 10.15 -6.94 7.61
N ILE A 96 9.22 -7.84 7.53
CA ILE A 96 7.79 -7.59 7.77
C ILE A 96 7.26 -8.60 8.77
N VAL A 97 6.54 -8.11 9.77
CA VAL A 97 5.83 -8.94 10.75
C VAL A 97 4.37 -8.59 10.69
N VAL A 98 3.47 -9.57 10.64
CA VAL A 98 2.02 -9.34 10.75
C VAL A 98 1.50 -10.07 11.98
N LEU A 99 0.90 -9.35 12.89
CA LEU A 99 0.27 -9.87 14.11
C LEU A 99 -1.21 -9.58 14.06
N ALA A 100 -2.03 -10.44 14.62
CA ALA A 100 -3.46 -10.20 14.67
C ALA A 100 -4.04 -10.65 16.01
N LYS A 101 -5.17 -10.06 16.39
CA LYS A 101 -5.92 -10.50 17.58
C LYS A 101 -6.18 -12.00 17.46
N PRO A 102 -6.17 -12.74 18.58
CA PRO A 102 -6.42 -14.17 18.51
C PRO A 102 -7.79 -14.56 17.97
N GLU A 103 -8.77 -13.72 18.18
CA GLU A 103 -10.15 -13.97 17.70
C GLU A 103 -10.15 -13.96 16.17
N HIS A 104 -9.12 -13.42 15.52
CA HIS A 104 -9.10 -13.38 14.03
C HIS A 104 -8.42 -14.57 13.40
N GLU A 105 -7.85 -15.48 14.21
CA GLU A 105 -7.06 -16.58 13.62
C GLU A 105 -7.87 -17.39 12.59
N ASN A 106 -9.15 -17.60 12.85
N ASN A 106 -9.16 -17.63 12.84
N ASN A 106 -9.16 -17.63 12.84
CA ASN A 106 -10.01 -18.43 11.97
CA ASN A 106 -10.03 -18.43 11.91
CA ASN A 106 -10.03 -18.43 11.91
C ASN A 106 -10.56 -17.56 10.82
C ASN A 106 -10.76 -17.52 10.93
C ASN A 106 -10.76 -17.52 10.93
N ARG A 107 -10.41 -16.22 10.88
CA ARG A 107 -10.91 -15.29 9.81
C ARG A 107 -9.79 -15.11 8.77
N ILE A 108 -8.56 -15.50 9.10
CA ILE A 108 -7.40 -15.22 8.22
C ILE A 108 -6.97 -16.47 7.51
N SER A 109 -6.79 -16.39 6.21
CA SER A 109 -6.44 -17.56 5.39
C SER A 109 -5.59 -17.12 4.21
N HIS A 110 -5.11 -18.05 3.40
CA HIS A 110 -4.40 -17.76 2.14
C HIS A 110 -3.24 -16.82 2.43
N ILE A 111 -2.44 -17.12 3.42
CA ILE A 111 -1.28 -16.30 3.81
C ILE A 111 -0.19 -16.54 2.79
N CYS A 112 0.29 -15.48 2.14
N CYS A 112 0.36 -15.45 2.29
N CYS A 112 0.29 -15.48 2.14
CA CYS A 112 1.41 -15.51 1.16
CA CYS A 112 1.39 -15.44 1.24
CA CYS A 112 1.41 -15.51 1.16
C CYS A 112 2.51 -14.54 1.60
C CYS A 112 2.53 -14.53 1.68
C CYS A 112 2.51 -14.54 1.60
N THR A 113 3.75 -14.89 1.33
CA THR A 113 4.92 -14.03 1.57
C THR A 113 5.77 -14.04 0.32
N ASP A 114 6.48 -12.94 0.08
CA ASP A 114 7.46 -12.94 -1.02
C ASP A 114 8.43 -11.79 -0.83
N ASN A 115 9.48 -11.73 -1.61
CA ASN A 115 10.42 -10.61 -1.59
C ASN A 115 10.86 -10.34 -3.01
N VAL A 116 11.35 -9.14 -3.23
CA VAL A 116 11.99 -8.74 -4.48
C VAL A 116 13.29 -8.09 -4.12
N LYS A 117 14.34 -8.48 -4.81
CA LYS A 117 15.68 -7.88 -4.72
C LYS A 117 15.83 -6.88 -5.81
N THR A 118 16.11 -5.62 -5.52
CA THR A 118 16.19 -4.63 -6.61
C THR A 118 17.63 -4.51 -7.13
N GLY A 119 17.80 -3.88 -8.29
CA GLY A 119 19.16 -3.57 -8.78
C GLY A 119 19.86 -4.77 -9.40
N ILE A 120 21.14 -4.58 -9.72
CA ILE A 120 21.92 -5.44 -10.66
C ILE A 120 23.40 -5.31 -10.25
N ALA A 121 24.05 -6.43 -9.90
CA ALA A 121 25.49 -6.51 -9.55
C ALA A 121 25.81 -5.55 -8.39
N ASN A 122 26.60 -4.49 -8.65
CA ASN A 122 26.85 -3.30 -7.77
C ASN A 122 25.65 -3.03 -6.85
N THR A 123 24.46 -2.90 -7.45
CA THR A 123 23.20 -2.38 -6.86
C THR A 123 22.31 -3.55 -6.37
N LEU A 124 22.73 -4.81 -6.56
CA LEU A 124 22.04 -5.99 -5.95
C LEU A 124 22.79 -6.39 -4.68
N GLY A 125 22.08 -6.42 -3.55
CA GLY A 125 22.57 -7.10 -2.34
C GLY A 125 22.12 -6.45 -1.07
N ASN A 126 21.44 -5.29 -1.13
CA ASN A 126 20.79 -4.92 0.16
C ASN A 126 19.43 -4.21 0.10
N LYS A 127 19.01 -3.71 -1.06
N LYS A 127 19.01 -3.72 -1.07
N LYS A 127 19.01 -3.71 -1.06
CA LYS A 127 17.72 -3.01 -1.23
CA LYS A 127 17.73 -2.96 -1.24
CA LYS A 127 17.72 -3.01 -1.23
C LYS A 127 16.69 -3.96 -1.83
C LYS A 127 16.69 -3.84 -1.95
C LYS A 127 16.69 -3.96 -1.83
N GLY A 128 15.42 -3.69 -1.58
CA GLY A 128 14.33 -4.46 -2.16
C GLY A 128 13.13 -4.37 -1.27
N ALA A 129 12.30 -5.38 -1.26
CA ALA A 129 11.02 -5.33 -0.57
C ALA A 129 10.66 -6.69 -0.07
N VAL A 130 9.85 -6.73 0.95
CA VAL A 130 9.21 -7.95 1.43
C VAL A 130 7.73 -7.68 1.47
N GLY A 131 6.91 -8.69 1.38
CA GLY A 131 5.46 -8.51 1.37
C GLY A 131 4.73 -9.66 1.98
N VAL A 132 3.54 -9.38 2.47
CA VAL A 132 2.63 -10.38 3.01
C VAL A 132 1.27 -10.11 2.39
N SER A 133 0.48 -11.11 2.08
CA SER A 133 -0.95 -10.99 1.80
C SER A 133 -1.74 -12.08 2.49
N PHE A 134 -3.00 -11.80 2.67
CA PHE A 134 -3.90 -12.85 3.19
C PHE A 134 -5.31 -12.37 2.95
N MET A 135 -6.25 -13.28 3.13
CA MET A 135 -7.69 -12.98 3.18
C MET A 135 -8.11 -12.78 4.62
N PHE A 136 -8.94 -11.81 4.86
CA PHE A 136 -9.58 -11.57 6.15
C PHE A 136 -11.06 -11.70 5.83
N ASN A 137 -11.68 -12.84 6.17
CA ASN A 137 -13.07 -13.09 5.71
C ASN A 137 -13.11 -12.87 4.18
N GLY A 138 -14.03 -12.04 3.68
CA GLY A 138 -14.17 -11.86 2.24
C GLY A 138 -13.25 -10.79 1.66
N THR A 139 -12.30 -10.26 2.45
CA THR A 139 -11.49 -9.10 2.04
C THR A 139 -10.06 -9.53 1.87
N SER A 140 -9.44 -9.15 0.77
CA SER A 140 -8.01 -9.42 0.54
C SER A 140 -7.18 -8.22 0.97
N LEU A 141 -6.11 -8.49 1.67
CA LEU A 141 -5.21 -7.48 2.24
C LEU A 141 -3.80 -7.79 1.79
N GLY A 142 -3.10 -6.77 1.32
CA GLY A 142 -1.69 -6.83 0.91
C GLY A 142 -0.85 -5.79 1.63
N PHE A 143 0.42 -6.12 1.90
CA PHE A 143 1.33 -5.27 2.67
C PHE A 143 2.69 -5.38 2.08
N VAL A 144 3.32 -4.26 1.76
CA VAL A 144 4.65 -4.20 1.18
C VAL A 144 5.51 -3.31 2.05
N ASN A 145 6.64 -3.81 2.47
CA ASN A 145 7.71 -3.05 3.13
C ASN A 145 8.89 -2.98 2.20
N SER A 146 9.22 -1.81 1.69
CA SER A 146 10.33 -1.63 0.74
C SER A 146 11.40 -0.71 1.31
N HIS A 147 12.66 -1.05 1.11
CA HIS A 147 13.84 -0.20 1.36
C HIS A 147 14.41 0.16 0.00
N LEU A 148 14.14 1.37 -0.48
CA LEU A 148 14.53 1.76 -1.83
C LEU A 148 15.91 2.44 -1.82
N THR A 149 16.44 2.65 -3.01
CA THR A 149 17.80 3.16 -3.20
C THR A 149 17.95 4.47 -2.46
N SER A 150 19.09 4.65 -1.78
CA SER A 150 19.42 5.87 -1.03
C SER A 150 20.04 6.96 -1.90
N GLY A 151 20.04 8.15 -1.39
CA GLY A 151 20.79 9.25 -1.97
C GLY A 151 19.89 10.27 -2.59
N SER A 152 20.09 11.56 -2.33
CA SER A 152 19.25 12.59 -2.91
C SER A 152 19.21 12.57 -4.42
N GLU A 153 20.30 12.13 -5.06
N GLU A 153 20.30 12.21 -5.12
N GLU A 153 20.30 12.13 -5.06
CA GLU A 153 20.50 12.24 -6.52
CA GLU A 153 20.34 12.32 -6.60
CA GLU A 153 20.50 12.24 -6.52
C GLU A 153 19.77 11.10 -7.27
C GLU A 153 19.89 11.01 -7.26
C GLU A 153 19.77 11.10 -7.27
N LYS A 154 19.22 10.12 -6.53
CA LYS A 154 18.80 8.82 -7.12
C LYS A 154 17.28 8.64 -7.11
N LYS A 155 16.52 9.70 -7.31
CA LYS A 155 15.06 9.57 -7.30
C LYS A 155 14.57 8.66 -8.46
N LEU A 156 15.23 8.72 -9.62
CA LEU A 156 14.82 7.93 -10.80
C LEU A 156 15.08 6.44 -10.50
N ARG A 157 16.13 6.12 -9.75
N ARG A 157 16.12 6.12 -9.74
N ARG A 157 16.12 6.12 -9.74
CA ARG A 157 16.39 4.73 -9.33
CA ARG A 157 16.38 4.71 -9.37
CA ARG A 157 16.38 4.71 -9.37
C ARG A 157 15.29 4.26 -8.38
C ARG A 157 15.33 4.24 -8.36
C ARG A 157 15.33 4.24 -8.36
N ARG A 158 14.90 5.10 -7.43
CA ARG A 158 13.81 4.73 -6.52
C ARG A 158 12.57 4.43 -7.33
N ASN A 159 12.29 5.25 -8.35
CA ASN A 159 11.06 5.02 -9.15
C ASN A 159 11.17 3.67 -9.87
N GLN A 160 12.35 3.34 -10.36
CA GLN A 160 12.59 2.05 -11.03
C GLN A 160 12.46 0.91 -10.02
N ASN A 161 12.94 1.14 -8.79
CA ASN A 161 12.82 0.09 -7.74
C ASN A 161 11.32 -0.19 -7.49
N TYR A 162 10.51 0.89 -7.41
CA TYR A 162 9.07 0.75 -7.22
C TYR A 162 8.46 -0.12 -8.32
N MET A 163 8.81 0.16 -9.58
N MET A 163 8.84 0.20 -9.56
N MET A 163 8.83 0.20 -9.56
CA MET A 163 8.18 -0.59 -10.68
CA MET A 163 8.28 -0.49 -10.75
CA MET A 163 8.32 -0.47 -10.78
C MET A 163 8.63 -2.06 -10.62
C MET A 163 8.67 -1.98 -10.71
C MET A 163 8.68 -1.96 -10.73
N ASN A 164 9.90 -2.29 -10.32
CA ASN A 164 10.37 -3.69 -10.20
C ASN A 164 9.62 -4.41 -9.12
N ILE A 165 9.45 -3.77 -7.97
CA ILE A 165 8.74 -4.42 -6.85
C ILE A 165 7.29 -4.75 -7.24
N LEU A 166 6.64 -3.74 -7.82
N LEU A 166 6.55 -3.81 -7.81
N LEU A 166 6.64 -3.74 -7.82
CA LEU A 166 5.25 -3.80 -8.31
CA LEU A 166 5.12 -4.12 -8.09
CA LEU A 166 5.25 -3.80 -8.31
C LEU A 166 5.10 -5.00 -9.24
C LEU A 166 5.04 -5.07 -9.30
C LEU A 166 5.10 -5.00 -9.24
N ARG A 167 6.05 -5.15 -10.17
CA ARG A 167 5.96 -6.18 -11.23
C ARG A 167 6.22 -7.55 -10.65
N PHE A 168 7.20 -7.70 -9.77
CA PHE A 168 7.76 -9.02 -9.49
C PHE A 168 7.32 -9.60 -8.18
N LEU A 169 6.73 -8.82 -7.26
CA LEU A 169 6.32 -9.37 -5.97
C LEU A 169 5.08 -10.22 -6.19
N ALA A 170 5.18 -11.49 -5.83
CA ALA A 170 4.15 -12.51 -6.11
C ALA A 170 3.34 -12.73 -4.85
N LEU A 171 2.28 -11.96 -4.69
CA LEU A 171 1.37 -12.09 -3.54
C LEU A 171 -0.02 -12.26 -4.06
N GLY A 172 -0.96 -12.63 -3.21
CA GLY A 172 -2.38 -12.71 -3.56
C GLY A 172 -2.66 -13.88 -4.47
N ASP A 173 -3.80 -13.81 -5.14
CA ASP A 173 -4.38 -14.95 -5.89
C ASP A 173 -3.68 -15.11 -7.22
N LYS A 174 -2.99 -16.11 -7.29
CA LYS A 174 -2.22 -16.36 -8.54
C LYS A 174 -3.15 -16.52 -9.75
N LYS A 175 -4.34 -16.91 -9.61
CA LYS A 175 -5.32 -16.99 -10.73
C LYS A 175 -5.52 -15.61 -11.38
N LEU A 176 -5.23 -14.53 -10.64
CA LEU A 176 -5.39 -13.17 -11.21
C LEU A 176 -4.17 -12.85 -12.06
N SER A 177 -3.91 -13.70 -13.05
CA SER A 177 -2.62 -13.70 -13.76
C SER A 177 -2.31 -12.41 -14.49
N PRO A 178 -3.27 -11.66 -15.07
CA PRO A 178 -2.91 -10.39 -15.69
C PRO A 178 -2.61 -9.25 -14.73
N PHE A 179 -2.82 -9.46 -13.44
CA PHE A 179 -2.84 -8.35 -12.47
C PHE A 179 -1.60 -8.39 -11.60
N ASN A 180 -0.98 -7.24 -11.43
CA ASN A 180 0.08 -7.11 -10.40
C ASN A 180 -0.50 -6.78 -9.03
N ILE A 181 0.38 -6.66 -8.05
CA ILE A 181 -0.09 -6.41 -6.67
C ILE A 181 -0.95 -5.16 -6.57
N THR A 182 -0.83 -4.20 -7.46
CA THR A 182 -1.63 -2.96 -7.40
C THR A 182 -3.10 -3.17 -7.75
N HIS A 183 -3.47 -4.38 -8.17
CA HIS A 183 -4.88 -4.72 -8.43
C HIS A 183 -5.34 -5.97 -7.68
N ARG A 184 -4.48 -6.68 -6.96
CA ARG A 184 -4.90 -7.99 -6.36
C ARG A 184 -5.63 -7.85 -5.05
N PHE A 185 -5.66 -6.69 -4.39
CA PHE A 185 -6.12 -6.59 -3.00
C PHE A 185 -7.22 -5.57 -2.86
N THR A 186 -8.19 -5.87 -2.01
CA THR A 186 -9.16 -4.87 -1.62
C THR A 186 -8.45 -3.63 -1.04
N HIS A 187 -7.46 -3.89 -0.19
CA HIS A 187 -6.64 -2.84 0.47
C HIS A 187 -5.17 -3.25 0.32
N LEU A 188 -4.33 -2.40 -0.23
CA LEU A 188 -2.89 -2.61 -0.33
C LEU A 188 -2.22 -1.45 0.41
N PHE A 189 -1.33 -1.76 1.33
CA PHE A 189 -0.52 -0.80 2.08
C PHE A 189 0.92 -0.95 1.66
N TRP A 190 1.57 0.11 1.26
CA TRP A 190 2.96 0.10 0.83
C TRP A 190 3.70 1.10 1.70
N PHE A 191 4.73 0.69 2.39
CA PHE A 191 5.44 1.50 3.36
C PHE A 191 6.91 1.15 3.34
N GLY A 192 7.71 1.91 4.05
CA GLY A 192 9.11 1.56 4.14
C GLY A 192 9.96 2.78 4.25
N ASP A 193 11.28 2.53 4.23
CA ASP A 193 12.25 3.60 3.96
C ASP A 193 12.36 3.78 2.47
N LEU A 194 11.45 4.58 1.96
CA LEU A 194 11.35 4.82 0.52
C LEU A 194 12.45 5.77 0.06
N ASN A 195 13.09 6.45 0.98
CA ASN A 195 14.37 7.14 0.71
C ASN A 195 14.24 8.38 -0.18
N TYR A 196 13.04 8.86 -0.45
CA TYR A 196 12.90 10.15 -1.17
C TYR A 196 13.26 11.30 -0.23
N ARG A 197 13.90 12.31 -0.81
CA ARG A 197 14.53 13.38 -0.03
C ARG A 197 13.88 14.74 -0.31
N VAL A 198 14.13 15.67 0.59
CA VAL A 198 13.77 17.09 0.38
C VAL A 198 14.87 17.65 -0.52
N ASP A 199 14.52 17.96 -1.76
N ASP A 199 14.46 18.01 -1.72
N ASP A 199 14.52 17.96 -1.76
CA ASP A 199 15.50 18.33 -2.81
CA ASP A 199 15.38 18.43 -2.82
CA ASP A 199 15.50 18.33 -2.81
C ASP A 199 15.70 19.84 -2.82
C ASP A 199 15.57 19.95 -2.74
C ASP A 199 15.70 19.84 -2.82
N LEU A 200 16.51 20.34 -1.88
CA LEU A 200 16.87 21.77 -1.78
C LEU A 200 18.39 21.79 -1.86
N PRO A 201 18.98 22.97 -2.15
CA PRO A 201 20.43 23.04 -2.18
C PRO A 201 21.04 22.71 -0.84
N THR A 202 22.23 22.11 -0.83
N THR A 202 22.22 22.10 -0.89
N THR A 202 22.23 22.11 -0.83
CA THR A 202 22.87 21.56 0.40
CA THR A 202 23.07 21.77 0.28
CA THR A 202 22.87 21.56 0.40
C THR A 202 23.28 22.71 1.34
C THR A 202 23.25 23.03 1.12
C THR A 202 23.28 22.71 1.34
N TRP A 203 23.52 23.89 0.79
N TRP A 203 23.51 24.17 0.49
N TRP A 203 23.52 23.89 0.79
CA TRP A 203 23.89 25.11 1.56
CA TRP A 203 23.81 25.43 1.22
CA TRP A 203 23.89 25.11 1.56
C TRP A 203 22.64 25.75 2.18
C TRP A 203 22.62 25.79 2.15
C TRP A 203 22.64 25.75 2.18
N GLU A 204 21.43 25.22 1.90
CA GLU A 204 20.21 25.61 2.64
C GLU A 204 19.98 24.69 3.86
N ALA A 205 20.91 23.84 4.26
CA ALA A 205 20.71 22.88 5.35
C ALA A 205 20.28 23.61 6.63
N GLU A 206 20.96 24.69 6.99
CA GLU A 206 20.63 25.32 8.28
C GLU A 206 19.28 26.02 8.15
N THR A 207 18.93 26.58 6.99
CA THR A 207 17.60 27.17 6.75
C THR A 207 16.54 26.08 6.95
N ILE A 208 16.80 24.89 6.42
CA ILE A 208 15.85 23.75 6.60
C ILE A 208 15.64 23.42 8.08
N ILE A 209 16.72 23.32 8.81
CA ILE A 209 16.67 23.03 10.25
C ILE A 209 15.82 24.06 10.97
N GLN A 210 16.00 25.35 10.64
N GLN A 210 16.03 25.36 10.64
N GLN A 210 16.00 25.35 10.64
CA GLN A 210 15.26 26.42 11.34
CA GLN A 210 15.23 26.49 11.20
CA GLN A 210 15.26 26.42 11.34
C GLN A 210 13.76 26.34 10.95
C GLN A 210 13.75 26.26 10.97
C GLN A 210 13.76 26.34 10.95
N LYS A 211 13.42 25.98 9.71
CA LYS A 211 12.01 25.74 9.34
C LYS A 211 11.41 24.59 10.16
N ILE A 212 12.21 23.52 10.34
CA ILE A 212 11.72 22.41 11.17
C ILE A 212 11.46 22.85 12.60
N LYS A 213 12.38 23.60 13.18
CA LYS A 213 12.20 24.09 14.57
C LYS A 213 10.97 24.98 14.68
N GLN A 214 10.59 25.68 13.63
CA GLN A 214 9.40 26.54 13.60
C GLN A 214 8.13 25.77 13.27
N GLN A 215 8.28 24.44 13.03
CA GLN A 215 7.14 23.61 12.60
C GLN A 215 6.53 24.16 11.31
N GLN A 216 7.36 24.68 10.42
CA GLN A 216 6.91 25.22 9.13
C GLN A 216 7.34 24.26 8.06
N TYR A 217 6.51 23.25 7.81
CA TYR A 217 6.90 22.15 6.89
C TYR A 217 6.52 22.47 5.45
N ALA A 218 5.81 23.56 5.16
CA ALA A 218 5.20 23.73 3.82
C ALA A 218 6.26 23.87 2.75
N ASP A 219 7.29 24.70 2.94
CA ASP A 219 8.31 25.00 1.93
C ASP A 219 9.23 23.79 1.83
N LEU A 220 9.21 22.90 2.84
CA LEU A 220 10.00 21.67 2.73
C LEU A 220 9.20 20.62 1.96
N LEU A 221 7.92 20.42 2.29
CA LEU A 221 7.10 19.40 1.59
C LEU A 221 6.95 19.72 0.10
N SER A 222 6.95 21.01 -0.25
CA SER A 222 6.89 21.40 -1.68
C SER A 222 8.10 20.90 -2.46
N HIS A 223 9.17 20.48 -1.77
CA HIS A 223 10.37 19.94 -2.45
C HIS A 223 10.59 18.46 -2.11
N ASP A 224 9.63 17.84 -1.43
CA ASP A 224 9.76 16.40 -1.14
C ASP A 224 9.65 15.63 -2.45
N GLN A 225 10.65 14.79 -2.74
CA GLN A 225 10.68 14.14 -4.02
C GLN A 225 9.53 13.15 -4.18
N LEU A 226 9.05 12.51 -3.15
CA LEU A 226 7.94 11.55 -3.31
C LEU A 226 6.67 12.32 -3.71
N LEU A 227 6.34 13.40 -3.02
CA LEU A 227 5.17 14.21 -3.42
C LEU A 227 5.35 14.76 -4.83
N THR A 228 6.52 15.25 -5.21
CA THR A 228 6.63 15.85 -6.56
C THR A 228 6.62 14.76 -7.60
N GLU A 229 7.26 13.63 -7.39
CA GLU A 229 7.23 12.53 -8.37
C GLU A 229 5.81 11.97 -8.50
N ARG A 230 5.07 11.87 -7.39
CA ARG A 230 3.66 11.41 -7.44
C ARG A 230 2.84 12.43 -8.23
N ARG A 231 2.99 13.73 -7.96
CA ARG A 231 2.18 14.76 -8.66
C ARG A 231 2.43 14.66 -10.17
N GLU A 232 3.66 14.37 -10.58
CA GLU A 232 4.02 14.27 -12.00
C GLU A 232 3.78 12.86 -12.52
N GLN A 233 3.12 11.98 -11.76
CA GLN A 233 2.74 10.64 -12.21
C GLN A 233 3.95 9.81 -12.61
N LYS A 234 5.04 9.93 -11.85
CA LYS A 234 6.27 9.17 -12.11
C LYS A 234 6.38 7.93 -11.24
N VAL A 235 5.57 7.83 -10.19
CA VAL A 235 5.67 6.74 -9.21
C VAL A 235 4.38 6.72 -8.38
N PHE A 236 4.02 5.58 -7.83
CA PHE A 236 2.90 5.43 -6.91
C PHE A 236 1.62 5.97 -7.54
N LEU A 237 1.42 5.77 -8.81
CA LEU A 237 0.18 6.20 -9.45
C LEU A 237 -0.96 5.45 -8.74
N HIS A 238 -2.01 6.18 -8.39
CA HIS A 238 -3.27 5.68 -7.80
C HIS A 238 -3.09 5.24 -6.38
N PHE A 239 -2.01 5.62 -5.72
CA PHE A 239 -1.88 5.47 -4.26
C PHE A 239 -2.21 6.78 -3.59
N GLU A 240 -2.58 6.69 -2.31
N GLU A 240 -2.60 6.69 -2.32
N GLU A 240 -2.58 6.69 -2.31
CA GLU A 240 -2.84 7.86 -1.43
CA GLU A 240 -2.91 7.82 -1.40
CA GLU A 240 -2.84 7.86 -1.43
C GLU A 240 -1.81 7.91 -0.30
C GLU A 240 -1.82 7.91 -0.30
C GLU A 240 -1.81 7.91 -0.30
N GLU A 241 -1.58 9.10 0.23
CA GLU A 241 -0.80 9.30 1.44
C GLU A 241 -1.53 10.35 2.25
N GLU A 242 -1.59 10.16 3.56
N GLU A 242 -1.58 10.16 3.56
N GLU A 242 -1.59 10.16 3.56
CA GLU A 242 -2.13 11.19 4.49
CA GLU A 242 -2.11 11.19 4.49
CA GLU A 242 -2.13 11.19 4.49
C GLU A 242 -1.20 12.40 4.47
C GLU A 242 -1.19 12.41 4.46
C GLU A 242 -1.20 12.40 4.47
N GLU A 243 -1.74 13.59 4.72
CA GLU A 243 -0.91 14.79 4.84
C GLU A 243 0.11 14.59 5.94
N ILE A 244 1.32 15.02 5.66
CA ILE A 244 2.46 14.94 6.60
C ILE A 244 2.47 16.16 7.50
N THR A 245 2.38 15.95 8.79
CA THR A 245 2.32 17.07 9.78
C THR A 245 3.35 16.84 10.87
N PHE A 246 4.33 15.96 10.65
CA PHE A 246 5.44 15.64 11.54
C PHE A 246 6.74 16.08 10.89
N ALA A 247 7.75 16.27 11.73
CA ALA A 247 9.07 16.67 11.22
C ALA A 247 9.71 15.56 10.40
N PRO A 248 10.65 15.93 9.55
CA PRO A 248 11.42 14.91 8.83
C PRO A 248 11.98 13.87 9.80
N THR A 249 11.96 12.60 9.37
CA THR A 249 12.30 11.47 10.24
C THR A 249 13.74 11.00 10.06
N TYR A 250 14.50 11.68 9.24
CA TYR A 250 15.89 11.32 8.87
C TYR A 250 16.57 12.67 8.62
N ARG A 251 17.89 12.84 8.86
CA ARG A 251 18.78 11.92 9.54
C ARG A 251 19.15 12.51 10.91
N PHE A 252 18.85 11.83 11.97
CA PHE A 252 19.09 12.28 13.35
C PHE A 252 20.45 11.79 13.83
N GLU A 253 21.06 12.59 14.70
CA GLU A 253 22.09 12.07 15.62
C GLU A 253 21.41 11.08 16.55
N ARG A 254 22.03 9.95 16.84
CA ARG A 254 21.41 8.95 17.75
C ARG A 254 21.39 9.45 19.19
N LEU A 255 20.48 8.94 19.98
CA LEU A 255 20.35 9.11 21.45
C LEU A 255 19.71 10.45 21.79
N THR A 256 19.39 11.27 20.81
CA THR A 256 18.61 12.51 20.98
C THR A 256 17.67 12.61 19.79
N ARG A 257 16.71 13.53 19.79
CA ARG A 257 16.10 13.98 18.51
C ARG A 257 16.36 15.47 18.35
N ASP A 258 17.33 16.01 19.07
CA ASP A 258 17.54 17.48 19.08
C ASP A 258 18.36 17.92 17.86
N LYS A 259 19.03 17.00 17.17
CA LYS A 259 20.02 17.36 16.15
C LYS A 259 19.85 16.51 14.88
N TYR A 260 19.78 17.18 13.74
CA TYR A 260 19.87 16.52 12.45
C TYR A 260 21.33 16.45 12.02
N ALA A 261 21.78 15.29 11.60
CA ALA A 261 23.16 15.07 11.11
C ALA A 261 23.12 15.05 9.60
N TYR A 262 23.41 16.16 8.94
CA TYR A 262 23.22 16.25 7.48
C TYR A 262 24.51 16.37 6.68
N THR A 263 25.62 16.71 7.37
N THR A 263 25.62 16.74 7.34
N THR A 263 25.62 16.71 7.37
CA THR A 263 26.90 17.07 6.71
CA THR A 263 26.83 17.15 6.60
CA THR A 263 26.90 17.07 6.71
C THR A 263 27.49 15.85 6.01
C THR A 263 27.52 15.90 6.02
C THR A 263 27.49 15.85 6.01
N LYS A 264 28.24 16.08 4.93
CA LYS A 264 28.90 14.96 4.20
C LYS A 264 30.04 14.44 5.08
N GLN A 265 30.18 13.12 5.16
CA GLN A 265 31.20 12.41 5.97
C GLN A 265 31.71 11.24 5.14
N LYS A 266 32.91 10.69 5.44
CA LYS A 266 33.35 9.50 4.71
C LYS A 266 32.27 8.42 4.84
N ALA A 267 31.70 8.30 6.03
CA ALA A 267 30.68 7.28 6.33
C ALA A 267 29.42 7.46 5.47
N THR A 268 29.19 8.66 4.92
CA THR A 268 28.02 8.83 4.00
C THR A 268 28.43 8.75 2.52
N GLY A 269 29.66 8.34 2.21
CA GLY A 269 30.08 8.45 0.81
C GLY A 269 30.25 9.88 0.38
N MET A 270 30.55 10.78 1.30
CA MET A 270 30.68 12.22 1.01
C MET A 270 29.41 12.77 0.41
N LYS A 271 28.27 12.26 0.89
N LYS A 271 28.27 12.25 0.86
N LYS A 271 28.27 12.26 0.89
CA LYS A 271 26.92 12.73 0.51
CA LYS A 271 26.94 12.79 0.46
CA LYS A 271 26.92 12.73 0.51
C LYS A 271 26.31 13.52 1.66
C LYS A 271 26.32 13.52 1.64
C LYS A 271 26.31 13.52 1.66
N TYR A 272 25.59 14.60 1.32
CA TYR A 272 24.74 15.29 2.29
C TYR A 272 23.47 14.46 2.48
N ASN A 273 22.97 14.51 3.69
CA ASN A 273 21.65 13.94 4.04
C ASN A 273 20.82 15.08 4.61
N LEU A 274 20.33 15.96 3.75
CA LEU A 274 19.44 17.02 4.24
C LEU A 274 18.22 16.36 4.88
N PRO A 275 17.69 16.95 5.94
CA PRO A 275 16.49 16.38 6.60
C PRO A 275 15.39 16.06 5.59
N SER A 276 14.84 14.86 5.72
CA SER A 276 13.94 14.28 4.72
C SER A 276 12.89 13.38 5.39
N TRP A 277 11.79 13.24 4.66
CA TRP A 277 10.73 12.27 5.02
C TRP A 277 10.99 10.97 4.27
N CYS A 278 12.03 10.24 4.73
CA CYS A 278 12.36 8.96 4.07
C CYS A 278 11.32 7.88 4.30
N ASP A 279 10.63 7.97 5.43
CA ASP A 279 9.89 6.84 6.04
C ASP A 279 8.39 7.07 5.91
N ARG A 280 7.70 6.28 5.10
CA ARG A 280 6.39 6.68 4.56
C ARG A 280 5.44 5.52 4.61
N VAL A 281 4.15 5.82 4.57
CA VAL A 281 3.06 4.84 4.44
C VAL A 281 2.05 5.33 3.42
N LEU A 282 1.82 4.56 2.38
CA LEU A 282 0.86 4.86 1.33
C LEU A 282 -0.12 3.70 1.21
N TRP A 283 -1.24 3.94 0.57
CA TRP A 283 -2.22 2.85 0.38
C TRP A 283 -2.98 3.01 -0.90
N LYS A 284 -3.59 1.94 -1.32
CA LYS A 284 -4.46 1.89 -2.50
C LYS A 284 -5.55 0.91 -2.16
N SER A 285 -6.80 1.33 -2.17
CA SER A 285 -7.95 0.46 -1.93
C SER A 285 -8.84 0.44 -3.17
N TYR A 286 -9.55 -0.62 -3.38
CA TYR A 286 -10.52 -0.68 -4.49
C TYR A 286 -11.51 0.48 -4.36
N PRO A 287 -12.10 0.89 -5.50
CA PRO A 287 -13.01 2.02 -5.51
C PRO A 287 -14.19 1.82 -4.56
N LEU A 288 -14.54 2.89 -3.83
CA LEU A 288 -15.74 2.95 -2.96
C LEU A 288 -15.68 1.96 -1.82
N VAL A 289 -14.49 1.49 -1.45
CA VAL A 289 -14.36 0.73 -0.20
C VAL A 289 -13.93 1.70 0.89
N HIS A 290 -14.51 1.57 2.06
CA HIS A 290 -14.18 2.39 3.24
C HIS A 290 -12.71 2.22 3.62
N VAL A 291 -11.95 3.30 3.61
CA VAL A 291 -10.59 3.31 4.18
C VAL A 291 -10.37 4.70 4.68
N VAL A 292 -10.04 4.85 5.95
CA VAL A 292 -9.84 6.19 6.55
C VAL A 292 -8.57 6.15 7.37
N CYS A 293 -7.62 7.01 7.08
CA CYS A 293 -6.41 7.13 7.93
C CYS A 293 -6.76 7.83 9.22
N GLN A 294 -6.48 7.17 10.34
N GLN A 294 -6.47 7.21 10.35
N GLN A 294 -6.48 7.17 10.34
CA GLN A 294 -6.79 7.67 11.71
CA GLN A 294 -6.81 7.80 11.67
CA GLN A 294 -6.79 7.67 11.71
C GLN A 294 -5.56 8.30 12.36
C GLN A 294 -5.54 8.21 12.45
C GLN A 294 -5.56 8.30 12.36
N SER A 295 -4.34 7.96 11.91
CA SER A 295 -3.11 8.50 12.49
C SER A 295 -1.99 8.40 11.44
N TYR A 296 -1.08 9.34 11.48
CA TYR A 296 0.09 9.33 10.59
C TYR A 296 1.12 10.22 11.25
N GLY A 297 2.18 9.68 11.79
CA GLY A 297 3.11 10.51 12.57
C GLY A 297 4.37 9.79 12.87
N SER A 298 5.24 10.37 13.67
CA SER A 298 6.50 9.79 14.04
C SER A 298 6.61 9.81 15.55
N THR A 299 7.35 8.86 16.11
CA THR A 299 7.61 8.90 17.54
C THR A 299 8.72 9.89 17.78
N SER A 300 8.75 10.37 19.02
CA SER A 300 9.73 11.36 19.50
C SER A 300 10.70 10.79 20.53
N ASP A 301 10.41 9.61 21.07
CA ASP A 301 11.12 9.04 22.25
C ASP A 301 11.90 7.77 21.93
N ILE A 302 12.05 7.40 20.67
CA ILE A 302 12.77 6.17 20.25
C ILE A 302 13.94 6.67 19.44
N MET A 303 15.15 6.56 19.99
N MET A 303 15.15 6.56 19.99
N MET A 303 15.15 6.56 19.99
CA MET A 303 16.32 7.38 19.56
CA MET A 303 16.29 7.37 19.49
CA MET A 303 16.32 7.38 19.56
C MET A 303 17.54 6.51 19.22
C MET A 303 17.53 6.51 19.28
C MET A 303 17.54 6.51 19.22
N THR A 304 17.37 5.19 19.11
CA THR A 304 18.52 4.27 18.86
C THR A 304 18.97 4.35 17.42
N SER A 305 18.11 4.82 16.50
CA SER A 305 18.44 4.90 15.08
C SER A 305 18.62 6.32 14.63
N ASP A 306 19.21 6.50 13.47
CA ASP A 306 19.25 7.80 12.79
C ASP A 306 17.92 8.08 12.08
N HIS A 307 16.94 7.19 12.14
CA HIS A 307 15.53 7.44 11.72
C HIS A 307 14.65 7.38 12.95
N SER A 308 13.57 8.14 12.97
CA SER A 308 12.48 7.90 13.91
C SER A 308 11.47 6.98 13.27
N PRO A 309 10.88 6.07 14.05
CA PRO A 309 9.76 5.26 13.63
C PRO A 309 8.59 6.09 13.11
N VAL A 310 7.87 5.58 12.14
CA VAL A 310 6.64 6.18 11.61
C VAL A 310 5.50 5.21 11.84
N PHE A 311 4.35 5.72 12.23
CA PHE A 311 3.12 5.00 12.40
C PHE A 311 2.06 5.54 11.48
N ALA A 312 1.16 4.64 11.10
CA ALA A 312 -0.08 5.04 10.46
C ALA A 312 -1.15 4.04 10.85
N THR A 313 -2.36 4.49 11.12
CA THR A 313 -3.48 3.56 11.40
C THR A 313 -4.62 3.87 10.48
N PHE A 314 -5.38 2.82 10.23
CA PHE A 314 -6.49 2.89 9.30
C PHE A 314 -7.71 2.13 9.81
N GLU A 315 -8.89 2.67 9.49
N GLU A 315 -8.88 2.72 9.56
N GLU A 315 -8.89 2.67 9.49
CA GLU A 315 -10.17 1.95 9.61
CA GLU A 315 -10.16 1.98 9.46
CA GLU A 315 -10.17 1.95 9.61
C GLU A 315 -10.49 1.45 8.20
C GLU A 315 -10.22 1.37 8.08
C GLU A 315 -10.49 1.45 8.20
N ALA A 316 -10.61 0.12 8.00
CA ALA A 316 -10.70 -0.52 6.70
C ALA A 316 -11.97 -1.35 6.65
N GLY A 317 -12.77 -1.10 5.63
CA GLY A 317 -13.98 -1.93 5.41
C GLY A 317 -13.61 -3.34 5.08
N VAL A 318 -14.39 -4.29 5.64
CA VAL A 318 -14.23 -5.73 5.37
C VAL A 318 -15.62 -6.31 5.17
N THR A 319 -15.64 -7.41 4.48
CA THR A 319 -16.90 -8.14 4.21
C THR A 319 -16.80 -9.55 4.72
N SER A 320 -17.96 -10.19 4.86
N SER A 320 -17.96 -10.22 4.76
N SER A 320 -17.96 -10.19 4.86
CA SER A 320 -18.10 -11.55 5.44
CA SER A 320 -18.12 -11.55 5.40
CA SER A 320 -18.10 -11.55 5.44
C SER A 320 -17.89 -12.60 4.36
C SER A 320 -18.02 -12.64 4.35
C SER A 320 -17.89 -12.60 4.36
N GLN A 321 -17.59 -13.84 4.79
CA GLN A 321 -17.46 -15.01 3.90
C GLN A 321 -18.89 -15.49 3.63
N PHE A 322 -19.50 -14.94 2.58
CA PHE A 322 -20.93 -15.15 2.25
C PHE A 322 -21.16 -16.61 1.80
N VAL A 323 -22.12 -17.24 2.46
CA VAL A 323 -22.79 -18.50 2.03
C VAL A 323 -24.24 -18.11 1.70
N SER A 324 -24.77 -18.65 0.61
CA SER A 324 -26.23 -18.70 0.33
C SER A 324 -26.64 -20.18 0.12
N LYS A 325 -27.95 -20.42 -0.01
CA LYS A 325 -28.52 -21.74 -0.39
C LYS A 325 -27.88 -22.17 -1.72
N ASN A 326 -27.55 -21.20 -2.58
CA ASN A 326 -26.97 -21.39 -3.94
C ASN A 326 -25.43 -21.25 -3.83
N GLY A 327 -24.86 -20.09 -4.18
CA GLY A 327 -23.41 -19.87 -4.09
C GLY A 327 -22.93 -19.88 -2.63
N PRO A 328 -21.69 -20.30 -2.31
CA PRO A 328 -20.75 -20.91 -3.28
C PRO A 328 -21.03 -22.31 -3.87
N GLY A 329 -20.59 -22.54 -5.12
CA GLY A 329 -20.62 -23.85 -5.79
C GLY A 329 -21.74 -23.98 -6.80
N THR A 330 -22.31 -22.84 -7.21
CA THR A 330 -23.33 -22.72 -8.28
C THR A 330 -23.58 -21.22 -8.47
N VAL A 331 -24.28 -20.85 -9.55
CA VAL A 331 -24.72 -19.45 -9.82
C VAL A 331 -26.04 -19.19 -9.08
N ASP A 332 -26.55 -17.96 -9.17
CA ASP A 332 -27.81 -17.48 -8.52
C ASP A 332 -28.61 -16.77 -9.62
N SER A 333 -29.13 -17.53 -10.59
CA SER A 333 -29.74 -17.04 -11.85
C SER A 333 -30.41 -15.66 -11.63
N GLN A 334 -30.78 -15.34 -10.38
CA GLN A 334 -31.38 -14.03 -10.02
C GLN A 334 -30.42 -12.88 -10.40
N GLY A 335 -29.10 -13.08 -10.28
CA GLY A 335 -28.07 -12.01 -10.44
C GLY A 335 -27.50 -11.90 -11.84
N GLN A 336 -27.23 -10.68 -12.32
CA GLN A 336 -26.48 -10.50 -13.59
C GLN A 336 -25.80 -9.13 -13.62
N ILE A 337 -24.71 -9.05 -14.38
CA ILE A 337 -23.99 -7.76 -14.61
C ILE A 337 -23.93 -7.58 -16.10
N GLU A 338 -24.51 -6.49 -16.59
CA GLU A 338 -24.54 -6.16 -18.02
C GLU A 338 -23.73 -4.89 -18.27
N PHE A 339 -23.11 -4.86 -19.44
CA PHE A 339 -22.28 -3.73 -19.91
C PHE A 339 -22.83 -3.17 -21.22
N LEU A 340 -22.95 -1.86 -21.31
CA LEU A 340 -23.51 -1.20 -22.51
C LEU A 340 -22.54 -0.09 -22.91
N ARG A 341 -22.51 0.28 -24.17
CA ARG A 341 -21.79 1.47 -24.68
C ARG A 341 -20.37 1.50 -24.09
N CYS A 342 -19.69 0.38 -24.08
CA CYS A 342 -18.31 0.28 -23.48
C CYS A 342 -17.22 0.41 -24.55
N TYR A 343 -16.15 1.10 -24.18
CA TYR A 343 -14.97 1.22 -25.04
C TYR A 343 -13.75 1.43 -24.16
N ALA A 344 -12.63 0.91 -24.64
CA ALA A 344 -11.32 1.25 -24.07
C ALA A 344 -10.64 2.26 -24.97
N THR A 345 -9.81 3.09 -24.38
CA THR A 345 -8.90 3.97 -25.09
C THR A 345 -7.51 3.50 -24.68
N LEU A 346 -6.64 3.22 -25.63
CA LEU A 346 -5.29 2.74 -25.30
C LEU A 346 -4.23 3.65 -25.88
N LYS A 347 -3.22 3.94 -25.06
CA LYS A 347 -1.98 4.64 -25.48
C LYS A 347 -1.02 3.59 -26.00
N THR A 348 -1.34 3.02 -27.16
CA THR A 348 -0.48 1.99 -27.80
C THR A 348 -0.35 2.35 -29.26
N LYS A 349 0.83 2.08 -29.81
CA LYS A 349 1.08 2.33 -31.26
C LYS A 349 0.77 1.03 -32.00
N SER A 350 0.44 -0.05 -31.28
CA SER A 350 0.10 -1.37 -31.85
C SER A 350 -1.27 -1.32 -32.51
N GLN A 351 -1.53 -2.28 -33.41
CA GLN A 351 -2.80 -2.42 -34.17
C GLN A 351 -3.36 -3.84 -34.05
N THR A 352 -2.91 -4.69 -33.11
CA THR A 352 -3.57 -6.00 -32.82
C THR A 352 -5.07 -5.76 -32.51
N LYS A 353 -5.88 -6.80 -32.65
CA LYS A 353 -7.21 -6.87 -32.02
C LYS A 353 -7.01 -7.09 -30.50
N PHE A 354 -7.99 -6.66 -29.74
CA PHE A 354 -8.02 -6.77 -28.26
C PHE A 354 -9.32 -7.43 -27.82
N TYR A 355 -9.23 -8.14 -26.69
CA TYR A 355 -10.37 -8.67 -25.95
C TYR A 355 -10.20 -8.34 -24.46
N LEU A 356 -11.31 -8.52 -23.75
CA LEU A 356 -11.32 -8.22 -22.28
C LEU A 356 -11.33 -9.54 -21.52
N GLU A 357 -10.71 -9.52 -20.33
CA GLU A 357 -11.05 -10.53 -19.31
C GLU A 357 -11.61 -9.86 -18.08
N PHE A 358 -12.65 -10.46 -17.53
CA PHE A 358 -13.35 -10.01 -16.32
C PHE A 358 -12.98 -10.98 -15.22
N HIS A 359 -12.33 -10.52 -14.16
CA HIS A 359 -11.98 -11.37 -13.02
C HIS A 359 -12.62 -10.85 -11.74
N SER A 360 -13.24 -11.75 -10.99
CA SER A 360 -13.83 -11.36 -9.71
C SER A 360 -14.13 -12.59 -8.89
N SER A 361 -13.96 -12.48 -7.58
N SER A 361 -13.96 -12.50 -7.57
N SER A 361 -13.96 -12.48 -7.58
CA SER A 361 -14.36 -13.52 -6.60
CA SER A 361 -14.34 -13.60 -6.65
CA SER A 361 -14.36 -13.52 -6.60
C SER A 361 -15.86 -13.80 -6.69
C SER A 361 -15.88 -13.72 -6.55
C SER A 361 -15.86 -13.80 -6.69
N CYS A 362 -16.65 -12.85 -7.21
CA CYS A 362 -18.13 -13.06 -7.35
C CYS A 362 -18.44 -13.94 -8.57
N LEU A 363 -17.46 -14.33 -9.40
CA LEU A 363 -17.62 -15.25 -10.56
C LEU A 363 -17.01 -16.61 -10.25
N GLU A 364 -17.55 -17.64 -10.88
CA GLU A 364 -16.98 -18.99 -10.65
C GLU A 364 -15.58 -19.07 -11.25
N SER A 365 -15.40 -18.35 -12.34
CA SER A 365 -14.06 -18.20 -12.96
C SER A 365 -14.11 -16.99 -13.90
N PHE A 366 -12.94 -16.57 -14.38
CA PHE A 366 -12.83 -15.34 -15.19
C PHE A 366 -13.54 -15.55 -16.52
N VAL A 367 -13.99 -14.46 -17.10
CA VAL A 367 -14.76 -14.48 -18.37
C VAL A 367 -13.98 -13.71 -19.41
N LYS A 368 -13.84 -14.30 -20.60
N LYS A 368 -13.81 -14.33 -20.58
N LYS A 368 -13.84 -14.30 -20.60
CA LYS A 368 -13.12 -13.69 -21.74
CA LYS A 368 -13.19 -13.75 -21.80
CA LYS A 368 -13.12 -13.69 -21.74
C LYS A 368 -14.13 -13.24 -22.79
C LYS A 368 -14.31 -13.16 -22.66
C LYS A 368 -14.13 -13.24 -22.79
N SER A 369 -14.12 -11.95 -23.15
CA SER A 369 -15.01 -11.34 -24.14
C SER A 369 -14.58 -11.74 -25.55
N GLN A 370 -15.46 -11.38 -26.49
CA GLN A 370 -15.11 -11.34 -27.93
C GLN A 370 -14.21 -10.13 -28.17
N GLU A 371 -13.65 -10.08 -29.35
CA GLU A 371 -12.76 -8.97 -29.75
C GLU A 371 -13.56 -7.69 -29.93
N GLY A 372 -12.94 -6.57 -29.61
CA GLY A 372 -13.50 -5.24 -29.86
C GLY A 372 -13.25 -4.81 -31.30
N GLU A 373 -13.87 -3.70 -31.67
CA GLU A 373 -13.72 -3.04 -32.99
C GLU A 373 -12.77 -1.85 -32.83
N ASN A 374 -11.58 -1.92 -33.43
CA ASN A 374 -10.60 -0.83 -33.36
C ASN A 374 -11.03 0.32 -34.26
N GLU A 375 -10.87 1.54 -33.75
CA GLU A 375 -11.09 2.83 -34.45
C GLU A 375 -9.91 3.74 -34.08
N GLU A 376 -9.42 4.54 -35.02
CA GLU A 376 -8.33 5.53 -34.75
C GLU A 376 -8.96 6.71 -33.99
N GLY A 377 -8.49 6.99 -32.75
CA GLY A 377 -8.84 8.19 -31.96
C GLY A 377 -8.40 9.49 -32.65
N SER A 378 -9.17 10.57 -32.47
CA SER A 378 -9.01 11.85 -33.21
C SER A 378 -7.67 12.49 -32.85
N GLU A 379 -7.13 12.22 -31.65
CA GLU A 379 -5.82 12.76 -31.17
C GLU A 379 -4.76 11.65 -31.21
N GLY A 380 -4.90 10.64 -32.08
CA GLY A 380 -3.89 9.60 -32.32
C GLY A 380 -4.18 8.27 -31.61
N GLU A 381 -4.77 8.32 -30.41
CA GLU A 381 -5.03 7.16 -29.48
C GLU A 381 -5.63 5.97 -30.25
N LEU A 382 -5.68 4.80 -29.64
CA LEU A 382 -6.49 3.69 -30.20
C LEU A 382 -7.79 3.55 -29.40
N VAL A 383 -8.94 3.56 -30.06
CA VAL A 383 -10.24 3.36 -29.40
C VAL A 383 -10.66 1.94 -29.72
N VAL A 384 -10.93 1.12 -28.71
CA VAL A 384 -11.35 -0.28 -28.89
C VAL A 384 -12.81 -0.29 -28.46
N LYS A 385 -13.71 -0.47 -29.42
CA LYS A 385 -15.18 -0.38 -29.16
C LYS A 385 -15.73 -1.78 -28.88
N PHE A 386 -16.50 -1.93 -27.82
CA PHE A 386 -17.17 -3.18 -27.47
C PHE A 386 -18.67 -2.98 -27.64
N GLY A 387 -19.18 -1.75 -27.79
CA GLY A 387 -20.65 -1.47 -27.77
C GLY A 387 -21.40 -2.31 -26.75
N GLU A 388 -22.31 -3.18 -27.23
CA GLU A 388 -23.27 -4.00 -26.49
C GLU A 388 -22.78 -5.44 -26.47
N THR A 389 -21.57 -5.69 -26.97
CA THR A 389 -21.12 -7.08 -27.31
C THR A 389 -20.54 -7.80 -26.08
N LEU A 390 -20.29 -7.10 -24.96
CA LEU A 390 -19.61 -7.75 -23.82
C LEU A 390 -20.54 -8.77 -23.22
N PRO A 391 -19.98 -9.83 -22.62
CA PRO A 391 -20.81 -10.87 -22.02
C PRO A 391 -21.62 -10.34 -20.83
N LYS A 392 -22.71 -11.02 -20.59
CA LYS A 392 -23.51 -10.90 -19.35
C LYS A 392 -22.81 -11.72 -18.26
N LEU A 393 -22.36 -11.10 -17.16
CA LEU A 393 -21.68 -11.86 -16.08
C LEU A 393 -22.74 -12.39 -15.12
N LYS A 394 -22.49 -13.62 -14.67
CA LYS A 394 -23.41 -14.40 -13.79
C LYS A 394 -22.73 -14.58 -12.44
N PRO A 395 -23.03 -13.70 -11.45
CA PRO A 395 -22.39 -13.83 -10.16
C PRO A 395 -22.91 -15.09 -9.44
N ILE A 396 -22.11 -15.58 -8.51
CA ILE A 396 -22.38 -16.83 -7.73
C ILE A 396 -23.44 -16.57 -6.66
N ILE A 397 -23.59 -15.32 -6.23
CA ILE A 397 -24.57 -14.92 -5.20
C ILE A 397 -25.23 -13.65 -5.68
N SER A 398 -26.56 -13.54 -5.58
CA SER A 398 -27.33 -12.40 -6.15
C SER A 398 -27.79 -11.46 -5.06
N ASP A 399 -27.66 -11.82 -3.80
CA ASP A 399 -28.08 -10.99 -2.66
C ASP A 399 -27.40 -9.64 -2.81
N PRO A 400 -28.12 -8.50 -2.78
CA PRO A 400 -27.50 -7.20 -2.95
C PRO A 400 -26.51 -6.89 -1.83
N GLU A 401 -26.71 -7.43 -0.64
CA GLU A 401 -25.82 -7.14 0.51
C GLU A 401 -24.42 -7.71 0.25
N TYR A 402 -24.36 -8.71 -0.61
CA TYR A 402 -23.06 -9.30 -1.07
C TYR A 402 -22.64 -8.57 -2.35
N LEU A 403 -23.53 -8.49 -3.35
CA LEU A 403 -23.05 -8.17 -4.71
C LEU A 403 -22.63 -6.71 -4.78
N LEU A 404 -23.31 -5.81 -4.09
CA LEU A 404 -22.97 -4.38 -4.21
C LEU A 404 -21.60 -4.12 -3.58
N ASP A 405 -21.08 -5.05 -2.78
CA ASP A 405 -19.74 -4.86 -2.17
C ASP A 405 -18.63 -5.42 -3.05
N GLN A 406 -18.93 -5.99 -4.20
CA GLN A 406 -17.93 -6.66 -5.04
C GLN A 406 -17.30 -5.71 -6.06
N HIS A 407 -16.26 -6.22 -6.70
CA HIS A 407 -15.50 -5.47 -7.71
C HIS A 407 -15.18 -6.39 -8.87
N ILE A 408 -15.11 -5.83 -10.06
CA ILE A 408 -14.72 -6.55 -11.29
C ILE A 408 -13.39 -6.00 -11.76
N LEU A 409 -12.35 -6.81 -11.79
CA LEU A 409 -11.07 -6.46 -12.43
C LEU A 409 -11.20 -6.69 -13.92
N ILE A 410 -10.65 -5.79 -14.68
CA ILE A 410 -10.68 -5.84 -16.16
C ILE A 410 -9.24 -5.82 -16.63
N SER A 411 -8.93 -6.72 -17.55
CA SER A 411 -7.68 -6.70 -18.35
C SER A 411 -8.05 -6.64 -19.82
N ILE A 412 -7.37 -5.77 -20.53
CA ILE A 412 -7.51 -5.71 -22.02
C ILE A 412 -6.24 -6.39 -22.53
N LYS A 413 -6.46 -7.44 -23.31
CA LYS A 413 -5.36 -8.30 -23.81
C LYS A 413 -5.28 -8.28 -25.34
N SER A 414 -4.07 -8.42 -25.83
CA SER A 414 -3.83 -8.56 -27.28
C SER A 414 -4.27 -9.97 -27.72
N SER A 415 -5.09 -10.06 -28.76
CA SER A 415 -5.44 -11.37 -29.38
C SER A 415 -4.20 -12.07 -29.92
N ASP A 416 -3.20 -11.34 -30.39
CA ASP A 416 -1.99 -11.88 -31.04
C ASP A 416 -1.05 -12.49 -29.98
N SER A 417 -0.98 -11.92 -28.77
CA SER A 417 0.05 -12.33 -27.79
C SER A 417 -0.57 -12.78 -26.47
N ASP A 418 -1.84 -12.48 -26.23
CA ASP A 418 -2.56 -12.76 -24.96
C ASP A 418 -1.88 -12.01 -23.79
N GLU A 419 -1.02 -10.84 -24.08
CA GLU A 419 -0.41 -10.01 -23.01
C GLU A 419 -1.38 -8.88 -22.68
N SER A 420 -1.52 -8.65 -21.43
CA SER A 420 -2.32 -7.49 -20.98
C SER A 420 -1.63 -6.20 -21.38
N TYR A 421 -2.42 -5.33 -21.97
CA TYR A 421 -2.03 -3.95 -22.25
C TYR A 421 -2.53 -2.98 -21.18
N GLY A 422 -3.42 -3.43 -20.31
CA GLY A 422 -3.96 -2.53 -19.31
C GLY A 422 -4.88 -3.28 -18.37
N GLU A 423 -4.86 -2.85 -17.12
CA GLU A 423 -5.64 -3.43 -16.03
C GLU A 423 -6.35 -2.33 -15.27
N GLY A 424 -7.57 -2.59 -14.85
CA GLY A 424 -8.33 -1.68 -14.00
C GLY A 424 -9.39 -2.39 -13.24
N CYS A 425 -10.20 -1.64 -12.50
CA CYS A 425 -11.15 -2.17 -11.53
C CYS A 425 -12.42 -1.33 -11.51
N ILE A 426 -13.55 -1.99 -11.47
CA ILE A 426 -14.89 -1.36 -11.43
C ILE A 426 -15.59 -1.80 -10.15
N ALA A 427 -16.08 -0.89 -9.35
CA ALA A 427 -16.92 -1.20 -8.17
C ALA A 427 -18.36 -1.51 -8.61
N LEU A 428 -18.96 -2.48 -7.94
CA LEU A 428 -20.42 -2.73 -8.08
C LEU A 428 -21.24 -1.97 -7.03
N ARG A 429 -20.62 -1.05 -6.28
CA ARG A 429 -21.30 -0.21 -5.26
C ARG A 429 -22.06 0.91 -5.98
N LEU A 430 -23.14 0.54 -6.68
CA LEU A 430 -23.87 1.43 -7.60
C LEU A 430 -24.93 2.22 -6.86
N GLU A 431 -25.32 3.34 -7.43
CA GLU A 431 -26.37 4.21 -6.88
C GLU A 431 -27.75 3.58 -7.06
N ALA A 432 -27.88 2.61 -7.94
CA ALA A 432 -29.18 2.04 -8.35
C ALA A 432 -28.92 0.67 -8.93
N THR A 433 -29.86 -0.26 -8.82
CA THR A 433 -29.84 -1.49 -9.61
C THR A 433 -30.89 -1.46 -10.75
N GLU A 434 -30.74 -2.35 -11.69
CA GLU A 434 -31.65 -2.45 -12.86
C GLU A 434 -31.72 -1.10 -13.57
N THR A 435 -30.62 -0.33 -13.60
CA THR A 435 -30.54 1.05 -14.10
C THR A 435 -29.20 1.17 -14.85
N GLN A 436 -29.16 1.68 -16.06
CA GLN A 436 -27.87 1.98 -16.76
C GLN A 436 -27.15 3.12 -16.08
N LEU A 437 -25.88 2.89 -15.69
CA LEU A 437 -25.12 3.91 -14.94
C LEU A 437 -23.72 3.94 -15.51
N PRO A 438 -23.12 5.15 -15.54
CA PRO A 438 -21.75 5.24 -16.04
C PRO A 438 -20.76 4.44 -15.16
N ILE A 439 -19.80 3.85 -15.83
CA ILE A 439 -18.63 3.23 -15.17
C ILE A 439 -17.37 3.76 -15.84
N TYR A 440 -16.29 3.68 -15.08
CA TYR A 440 -14.98 4.18 -15.53
C TYR A 440 -13.89 3.53 -14.70
N THR A 441 -12.79 3.20 -15.35
CA THR A 441 -11.50 2.95 -14.64
C THR A 441 -10.39 3.41 -15.55
N PRO A 442 -9.33 3.97 -14.96
CA PRO A 442 -8.07 4.09 -15.68
C PRO A 442 -7.52 2.66 -15.87
N LEU A 443 -6.71 2.49 -16.88
CA LEU A 443 -6.00 1.23 -17.16
C LEU A 443 -4.53 1.48 -16.99
N THR A 444 -3.86 0.57 -16.29
CA THR A 444 -2.40 0.62 -16.11
C THR A 444 -1.78 -0.69 -16.55
N HIS A 445 -0.48 -0.63 -16.82
CA HIS A 445 0.32 -1.85 -17.01
C HIS A 445 1.68 -1.59 -16.42
N HIS A 446 2.15 -2.54 -15.61
CA HIS A 446 3.36 -2.35 -14.80
C HIS A 446 3.22 -1.07 -13.98
N GLY A 447 1.99 -0.73 -13.57
CA GLY A 447 1.77 0.41 -12.67
C GLY A 447 1.76 1.77 -13.37
N GLU A 448 1.96 1.83 -14.69
CA GLU A 448 1.94 3.08 -15.46
C GLU A 448 0.64 3.17 -16.27
N LEU A 449 0.18 4.38 -16.46
CA LEU A 449 -1.09 4.57 -17.20
C LEU A 449 -0.94 4.17 -18.67
N THR A 450 -1.83 3.32 -19.14
CA THR A 450 -1.83 2.85 -20.53
C THR A 450 -3.14 3.14 -21.25
N GLY A 451 -4.13 3.67 -20.56
CA GLY A 451 -5.41 3.92 -21.21
C GLY A 451 -6.53 3.99 -20.20
N HIS A 452 -7.74 3.82 -20.70
CA HIS A 452 -8.98 4.02 -19.95
C HIS A 452 -10.03 3.02 -20.41
N PHE A 453 -10.97 2.71 -19.54
CA PHE A 453 -12.13 1.88 -19.90
C PHE A 453 -13.35 2.57 -19.34
N GLN A 454 -14.37 2.72 -20.18
CA GLN A 454 -15.60 3.41 -19.75
C GLN A 454 -16.79 2.88 -20.53
N GLY A 455 -17.93 3.09 -19.95
CA GLY A 455 -19.20 2.65 -20.55
C GLY A 455 -20.27 2.80 -19.51
N GLU A 456 -21.23 1.89 -19.62
CA GLU A 456 -22.35 1.84 -18.67
C GLU A 456 -22.47 0.42 -18.19
N ILE A 457 -23.02 0.32 -17.00
CA ILE A 457 -23.30 -0.98 -16.36
C ILE A 457 -24.79 -1.01 -16.02
N LYS A 458 -25.26 -2.37 -15.94
CA LYS A 458 -26.65 -2.66 -15.50
C LYS A 458 -26.53 -3.88 -14.59
N LEU A 459 -26.81 -3.59 -13.21
CA LEU A 459 -26.67 -4.66 -12.20
C LEU A 459 -28.05 -5.11 -11.74
N GLN A 460 -28.29 -6.42 -11.85
N GLN A 460 -28.29 -6.42 -11.81
N GLN A 460 -28.29 -6.42 -11.85
CA GLN A 460 -29.50 -7.10 -11.33
CA GLN A 460 -29.54 -7.05 -11.32
CA GLN A 460 -29.50 -7.10 -11.33
C GLN A 460 -29.11 -7.87 -10.07
C GLN A 460 -29.18 -7.89 -10.10
C GLN A 460 -29.11 -7.87 -10.07
N THR A 461 -29.79 -7.61 -8.96
CA THR A 461 -29.62 -8.38 -7.73
C THR A 461 -30.93 -9.09 -7.47
N SER A 462 -30.98 -9.91 -6.44
CA SER A 462 -32.24 -10.56 -5.99
C SER A 462 -33.27 -9.53 -5.52
N GLN A 463 -32.92 -8.27 -5.24
CA GLN A 463 -33.92 -7.29 -4.73
C GLN A 463 -34.40 -6.37 -5.85
C4 O3M B . -5.11 11.83 -7.01
C5 O3M B . -4.75 14.07 -6.87
C6 O3M B . -3.84 15.20 -6.28
C7 O3M B . -2.36 14.79 -6.06
C8 O3M B . -1.40 15.76 -5.70
C10 O3M B . 0.31 14.10 -5.64
C13 O3M B . -3.04 12.46 -6.59
C15 O3M B . -8.65 11.59 -5.53
N O3M B . -4.39 12.77 -6.43
C O3M B . -9.43 12.11 -6.58
O O3M B . -10.80 12.18 -6.43
C1 O3M B . -8.81 12.54 -7.79
C11 O3M B . -0.63 13.16 -6.00
C12 O3M B . -2.02 13.51 -6.20
C14 O3M B . -7.27 11.51 -5.68
C2 O3M B . -7.45 12.45 -7.93
C3 O3M B . -6.65 11.95 -6.86
C9 O3M B . -0.07 15.43 -5.49
C4 O3M C . -21.34 5.93 -27.10
C5 O3M C . -19.29 6.82 -26.58
C6 O3M C . -18.44 8.14 -26.56
C7 O3M C . -18.49 8.84 -27.93
C8 O3M C . -17.54 9.87 -28.20
C10 O3M C . -18.50 10.18 -30.37
C13 O3M C . -20.42 7.40 -28.59
C15 O3M C . -19.32 2.65 -27.12
N O3M C . -20.51 6.94 -27.28
C O3M C . -19.61 2.14 -28.40
O O3M C . -19.05 0.96 -28.80
C1 O3M C . -20.46 2.86 -29.28
C11 O3M C . -19.42 9.17 -30.11
C12 O3M C . -19.40 8.49 -28.84
C14 O3M C . -19.88 3.85 -26.72
C2 O3M C . -21.02 4.06 -28.87
C3 O3M C . -20.73 4.58 -27.57
C9 O3M C . -17.57 10.52 -29.42
C4 O3M D . -15.88 8.98 -33.81
C5 O3M D . -17.29 7.39 -33.35
C6 O3M D . -17.79 6.23 -32.43
C7 O3M D . -17.10 6.17 -31.06
C8 O3M D . -17.46 5.14 -30.14
C10 O3M D . -15.89 5.99 -28.58
C13 O3M D . -15.78 8.16 -31.71
C15 O3M D . -12.05 9.58 -34.08
N O3M D . -16.00 7.91 -33.06
C O3M D . -12.02 10.38 -35.25
O O3M D . -10.82 10.86 -35.75
C1 O3M D . -13.22 10.70 -35.91
C11 O3M D . -15.53 6.98 -29.46
C12 O3M D . -16.17 7.06 -30.75
C14 O3M D . -13.26 9.10 -33.59
C2 O3M D . -14.42 10.22 -35.43
C3 O3M D . -14.46 9.42 -34.26
C9 O3M D . -16.84 5.07 -28.91
S DMS E . -14.12 -7.07 -0.53
O DMS E . -14.28 -7.06 0.94
C1 DMS E . -14.76 -5.54 -1.08
C2 DMS E . -15.41 -8.09 -1.25
S DMS F . -11.81 -9.35 -6.41
O DMS F . -13.15 -9.99 -6.65
C1 DMS F . -10.60 -10.54 -6.96
C2 DMS F . -11.62 -8.21 -7.70
S DMS G . -8.01 1.79 -10.92
O DMS G . -7.57 0.39 -10.48
C1 DMS G . -7.20 2.91 -9.89
C2 DMS G . -9.66 2.01 -10.29
#